data_1ATV
#
_entry.id   1ATV
#
_cell.length_a   1.000
_cell.length_b   1.000
_cell.length_c   1.000
_cell.angle_alpha   90.00
_cell.angle_beta   90.00
_cell.angle_gamma   90.00
#
_symmetry.space_group_name_H-M   'P 1'
#
_entity_poly.entity_id   1
_entity_poly.type   'polyribonucleotide'
_entity_poly.pdbx_seq_one_letter_code
;GGGACCAGAAGGUCCCG
;
_entity_poly.pdbx_strand_id   A
#